data_3SZ6
#
_entry.id   3SZ6
#
_cell.length_a   36.637
_cell.length_b   43.659
_cell.length_c   47.408
_cell.angle_alpha   99.24
_cell.angle_beta   96.53
_cell.angle_gamma   107.35
#
_symmetry.space_group_name_H-M   'P 1'
#
loop_
_entity.id
_entity.type
_entity.pdbx_description
1 polymer 'Conserved domain protein'
2 non-polymer 'CHLORIDE ION'
3 non-polymer GLYCEROL
4 water water
#
_entity_poly.entity_id   1
_entity_poly.type   'polypeptide(L)'
_entity_poly.pdbx_seq_one_letter_code
;DAKAATKLADGKYNIAFTVWKGDKDESSRMNRYFESPATLTVKNGKQYVSFKVKDSTSIKSFQVEKDGQFVETTVLSENK
KDNTRVVEFEVADLSKKLNGKVKINIPIINYNASYDIRFVF
;
_entity_poly.pdbx_strand_id   A,B
#
# COMPACT_ATOMS: atom_id res chain seq x y z
N THR A 6 -19.71 26.33 -4.72
CA THR A 6 -19.57 24.88 -4.75
C THR A 6 -18.54 24.42 -3.73
N LYS A 7 -17.58 25.29 -3.42
CA LYS A 7 -16.52 24.96 -2.48
C LYS A 7 -16.99 25.13 -1.04
N LEU A 8 -16.87 24.06 -0.26
CA LEU A 8 -17.35 24.04 1.13
C LEU A 8 -16.56 24.97 2.03
N ALA A 9 -17.26 25.59 2.98
CA ALA A 9 -16.62 26.46 3.96
C ALA A 9 -15.82 25.63 4.96
N ASP A 10 -14.81 26.24 5.56
CA ASP A 10 -13.97 25.54 6.53
C ASP A 10 -14.81 25.03 7.71
N GLY A 11 -14.41 23.91 8.26
CA GLY A 11 -15.11 23.31 9.39
C GLY A 11 -15.13 21.79 9.32
N LYS A 12 -15.75 21.18 10.31
CA LYS A 12 -15.88 19.72 10.35
C LYS A 12 -17.32 19.30 10.08
N TYR A 13 -17.48 18.26 9.27
CA TYR A 13 -18.80 17.76 8.93
C TYR A 13 -18.86 16.24 9.05
N ASN A 14 -20.06 15.70 8.96
CA ASN A 14 -20.24 14.27 8.75
C ASN A 14 -20.68 14.06 7.30
N ILE A 15 -20.09 13.09 6.62
CA ILE A 15 -20.55 12.76 5.28
C ILE A 15 -20.83 11.27 5.15
N ALA A 16 -22.06 10.94 4.78
CA ALA A 16 -22.43 9.56 4.55
C ALA A 16 -21.67 9.02 3.35
N PHE A 17 -21.43 7.71 3.35
CA PHE A 17 -20.82 7.06 2.20
C PHE A 17 -21.21 5.59 2.14
N THR A 18 -21.06 5.03 0.96
CA THR A 18 -21.23 3.59 0.77
CA THR A 18 -21.23 3.59 0.77
C THR A 18 -20.07 3.07 -0.07
N VAL A 19 -19.87 1.76 -0.06
CA VAL A 19 -18.79 1.18 -0.82
C VAL A 19 -19.31 0.28 -1.94
N TRP A 20 -18.85 0.54 -3.16
CA TRP A 20 -19.20 -0.30 -4.30
C TRP A 20 -18.02 -1.20 -4.64
N LYS A 21 -18.31 -2.28 -5.36
CA LYS A 21 -17.26 -3.12 -5.90
C LYS A 21 -16.45 -2.31 -6.91
N GLY A 22 -15.18 -2.66 -7.07
CA GLY A 22 -14.30 -1.93 -7.96
C GLY A 22 -14.73 -1.96 -9.42
N ASP A 23 -15.23 -3.11 -9.87
CA ASP A 23 -15.50 -3.32 -11.29
C ASP A 23 -16.97 -3.58 -11.60
N LYS A 24 -17.84 -3.34 -10.63
CA LYS A 24 -19.27 -3.58 -10.81
C LYS A 24 -20.06 -2.56 -10.00
N ASP A 25 -21.17 -2.07 -10.56
CA ASP A 25 -22.03 -1.14 -9.85
C ASP A 25 -22.90 -1.90 -8.85
N GLU A 26 -22.26 -2.49 -7.86
CA GLU A 26 -22.96 -3.24 -6.82
C GLU A 26 -22.31 -2.95 -5.47
N SER A 27 -23.06 -3.17 -4.41
CA SER A 27 -22.55 -2.96 -3.05
CA SER A 27 -22.55 -2.96 -3.05
C SER A 27 -21.41 -3.93 -2.76
N SER A 28 -20.35 -3.42 -2.12
CA SER A 28 -19.20 -4.22 -1.75
C SER A 28 -19.36 -4.82 -0.35
N ARG A 29 -18.80 -5.99 -0.14
CA ARG A 29 -18.83 -6.63 1.16
C ARG A 29 -17.96 -5.88 2.17
N MET A 30 -17.12 -4.97 1.65
CA MET A 30 -16.24 -4.19 2.50
CA MET A 30 -16.24 -4.18 2.49
C MET A 30 -17.01 -3.13 3.31
N ASN A 31 -18.28 -2.95 2.97
CA ASN A 31 -19.11 -1.99 3.71
C ASN A 31 -19.13 -2.28 5.21
N ARG A 32 -19.16 -3.55 5.56
CA ARG A 32 -19.26 -3.97 6.94
C ARG A 32 -18.08 -3.49 7.80
N TYR A 33 -16.95 -3.19 7.15
CA TYR A 33 -15.75 -2.83 7.88
C TYR A 33 -15.55 -1.31 7.99
N PHE A 34 -16.21 -0.56 7.12
CA PHE A 34 -16.02 0.88 7.06
C PHE A 34 -17.24 1.63 7.58
N GLU A 35 -17.08 2.34 8.68
CA GLU A 35 -18.22 2.98 9.36
C GLU A 35 -18.61 4.33 8.77
N SER A 36 -19.84 4.40 8.27
CA SER A 36 -20.42 5.66 7.80
C SER A 36 -21.33 6.21 8.90
N PRO A 37 -21.40 7.55 9.00
CA PRO A 37 -20.72 8.52 8.16
C PRO A 37 -19.26 8.75 8.53
N ALA A 38 -18.48 9.18 7.54
CA ALA A 38 -17.11 9.59 7.79
C ALA A 38 -17.10 11.02 8.32
N THR A 39 -15.95 11.46 8.80
CA THR A 39 -15.78 12.85 9.19
C THR A 39 -15.09 13.60 8.04
N LEU A 40 -15.69 14.71 7.64
CA LEU A 40 -15.10 15.55 6.61
C LEU A 40 -14.51 16.81 7.25
N THR A 41 -13.22 16.99 7.09
CA THR A 41 -12.54 18.17 7.62
C THR A 41 -12.11 19.08 6.48
N VAL A 42 -12.73 20.25 6.40
CA VAL A 42 -12.39 21.22 5.37
C VAL A 42 -11.52 22.31 5.97
N LYS A 43 -10.28 22.40 5.50
CA LYS A 43 -9.32 23.34 6.07
C LYS A 43 -8.42 23.92 4.99
N ASN A 44 -8.45 25.23 4.85
CA ASN A 44 -7.66 25.93 3.84
C ASN A 44 -7.89 25.37 2.44
N GLY A 45 -9.15 25.11 2.12
CA GLY A 45 -9.53 24.64 0.80
C GLY A 45 -9.50 23.12 0.65
N LYS A 46 -8.57 22.47 1.34
CA LYS A 46 -8.40 21.03 1.23
C LYS A 46 -9.47 20.25 1.99
N GLN A 47 -9.79 19.07 1.49
CA GLN A 47 -10.82 18.23 2.09
C GLN A 47 -10.22 16.92 2.59
N TYR A 48 -10.37 16.65 3.89
CA TYR A 48 -9.82 15.45 4.50
C TYR A 48 -10.93 14.55 5.03
N VAL A 49 -10.96 13.31 4.55
CA VAL A 49 -11.97 12.35 4.99
C VAL A 49 -11.35 11.34 5.96
N SER A 50 -12.06 11.09 7.05
CA SER A 50 -11.61 10.08 8.02
C SER A 50 -12.79 9.27 8.53
N PHE A 51 -12.55 7.99 8.80
CA PHE A 51 -13.59 7.13 9.34
C PHE A 51 -13.00 5.92 10.05
N LYS A 52 -13.83 5.27 10.86
CA LYS A 52 -13.38 4.13 11.65
C LYS A 52 -13.46 2.83 10.85
N VAL A 53 -12.44 2.00 11.01
CA VAL A 53 -12.39 0.70 10.36
C VAL A 53 -12.58 -0.39 11.40
N LYS A 54 -13.57 -1.25 11.20
CA LYS A 54 -13.83 -2.36 12.10
C LYS A 54 -12.92 -3.54 11.78
N ASP A 55 -12.75 -4.42 12.77
CA ASP A 55 -11.93 -5.60 12.59
C ASP A 55 -10.56 -5.20 12.01
N SER A 56 -9.93 -4.24 12.65
CA SER A 56 -8.71 -3.62 12.14
C SER A 56 -7.58 -4.61 11.85
N THR A 57 -7.36 -5.57 12.75
CA THR A 57 -6.27 -6.53 12.57
C THR A 57 -6.42 -7.34 11.28
N SER A 58 -7.65 -7.50 10.80
CA SER A 58 -7.90 -8.25 9.59
CA SER A 58 -7.90 -8.26 9.58
C SER A 58 -7.71 -7.40 8.33
N ILE A 59 -7.89 -6.09 8.48
CA ILE A 59 -7.70 -5.17 7.37
C ILE A 59 -6.25 -4.75 7.31
N LYS A 60 -5.39 -5.67 6.88
CA LYS A 60 -3.94 -5.47 6.89
C LYS A 60 -3.54 -4.23 6.09
N SER A 61 -4.24 -3.97 5.00
CA SER A 61 -3.92 -2.83 4.15
C SER A 61 -5.17 -2.17 3.59
N PHE A 62 -5.17 -0.83 3.61
CA PHE A 62 -6.23 -0.05 2.98
C PHE A 62 -5.61 1.13 2.24
N GLN A 63 -5.70 1.11 0.92
CA GLN A 63 -5.12 2.14 0.08
C GLN A 63 -6.20 2.85 -0.75
N VAL A 64 -5.98 4.13 -1.04
CA VAL A 64 -6.85 4.86 -1.95
C VAL A 64 -6.00 5.40 -3.10
N GLU A 65 -6.61 5.55 -4.27
CA GLU A 65 -5.87 5.96 -5.45
C GLU A 65 -5.51 7.44 -5.42
N LYS A 66 -4.22 7.71 -5.48
CA LYS A 66 -3.72 9.08 -5.51
C LYS A 66 -2.79 9.25 -6.70
N ASP A 67 -3.22 10.06 -7.67
CA ASP A 67 -2.46 10.29 -8.88
C ASP A 67 -2.19 8.98 -9.63
N GLY A 68 -3.28 8.31 -10.01
CA GLY A 68 -3.20 7.08 -10.78
C GLY A 68 -2.41 5.97 -10.11
N GLN A 69 -2.36 6.00 -8.78
CA GLN A 69 -1.65 4.97 -8.02
C GLN A 69 -2.18 4.83 -6.60
N PHE A 70 -2.35 3.58 -6.17
CA PHE A 70 -2.88 3.31 -4.84
C PHE A 70 -1.83 3.57 -3.76
N VAL A 71 -2.22 4.36 -2.76
CA VAL A 71 -1.33 4.68 -1.65
C VAL A 71 -1.99 4.36 -0.31
N GLU A 72 -1.21 3.79 0.60
CA GLU A 72 -1.70 3.44 1.93
C GLU A 72 -2.26 4.68 2.63
N THR A 73 -3.45 4.52 3.23
CA THR A 73 -4.07 5.61 3.98
C THR A 73 -3.32 5.87 5.29
N THR A 74 -3.54 7.05 5.87
CA THR A 74 -2.92 7.44 7.12
C THR A 74 -3.75 6.93 8.30
N VAL A 75 -3.07 6.41 9.32
CA VAL A 75 -3.76 5.97 10.53
C VAL A 75 -3.67 7.04 11.61
N LEU A 76 -4.82 7.59 11.99
CA LEU A 76 -4.88 8.67 12.97
C LEU A 76 -4.85 8.15 14.40
N SER A 77 -5.46 6.99 14.62
CA SER A 77 -5.49 6.39 15.95
C SER A 77 -5.88 4.92 15.89
N GLU A 78 -5.55 4.18 16.95
CA GLU A 78 -5.89 2.77 17.04
C GLU A 78 -6.52 2.45 18.39
N ASN A 79 -7.52 1.57 18.38
CA ASN A 79 -8.15 1.10 19.60
C ASN A 79 -8.09 -0.42 19.67
N LYS A 80 -7.09 -0.94 20.38
CA LYS A 80 -6.88 -2.38 20.45
C LYS A 80 -7.98 -3.12 21.22
N LYS A 81 -8.68 -2.41 22.08
CA LYS A 81 -9.74 -3.02 22.88
C LYS A 81 -10.90 -3.50 22.02
N ASP A 82 -11.33 -2.66 21.08
CA ASP A 82 -12.46 -3.02 20.21
C ASP A 82 -11.99 -3.38 18.80
N ASN A 83 -10.67 -3.46 18.61
CA ASN A 83 -10.09 -3.82 17.32
C ASN A 83 -10.56 -2.90 16.19
N THR A 84 -10.36 -1.60 16.39
CA THR A 84 -10.70 -0.62 15.36
C THR A 84 -9.54 0.35 15.16
N ARG A 85 -9.57 1.09 14.06
CA ARG A 85 -8.62 2.17 13.85
C ARG A 85 -9.27 3.24 13.00
N VAL A 86 -8.74 4.46 13.08
CA VAL A 86 -9.26 5.56 12.27
C VAL A 86 -8.28 5.86 11.13
N VAL A 87 -8.80 5.82 9.91
CA VAL A 87 -7.97 6.09 8.73
C VAL A 87 -8.35 7.45 8.15
N GLU A 88 -7.42 8.03 7.40
CA GLU A 88 -7.62 9.36 6.84
C GLU A 88 -6.96 9.49 5.46
N PHE A 89 -7.58 10.29 4.61
CA PHE A 89 -7.04 10.59 3.29
C PHE A 89 -7.69 11.85 2.73
N GLU A 90 -7.01 12.51 1.80
CA GLU A 90 -7.54 13.71 1.19
C GLU A 90 -8.36 13.35 -0.05
N VAL A 91 -9.47 14.04 -0.24
CA VAL A 91 -10.32 13.84 -1.40
C VAL A 91 -10.55 15.18 -2.10
N ALA A 92 -10.03 15.30 -3.31
CA ALA A 92 -10.14 16.55 -4.07
C ALA A 92 -11.56 16.81 -4.54
N ASP A 93 -12.25 15.76 -4.99
CA ASP A 93 -13.60 15.91 -5.54
C ASP A 93 -14.58 14.91 -4.93
N LEU A 94 -15.40 15.38 -4.02
CA LEU A 94 -16.36 14.52 -3.33
C LEU A 94 -17.48 14.02 -4.23
N SER A 95 -17.63 14.61 -5.41
CA SER A 95 -18.69 14.20 -6.33
C SER A 95 -18.26 13.01 -7.17
N LYS A 96 -16.98 12.65 -7.08
CA LYS A 96 -16.44 11.51 -7.82
C LYS A 96 -16.29 10.28 -6.92
N LYS A 97 -16.37 9.09 -7.51
CA LYS A 97 -16.13 7.86 -6.78
C LYS A 97 -14.64 7.64 -6.63
N LEU A 98 -14.19 7.39 -5.41
CA LEU A 98 -12.77 7.19 -5.14
C LEU A 98 -12.38 5.71 -5.19
N ASN A 99 -11.40 5.40 -6.03
CA ASN A 99 -10.90 4.02 -6.11
C ASN A 99 -10.07 3.65 -4.89
N GLY A 100 -10.27 2.42 -4.41
CA GLY A 100 -9.55 1.94 -3.25
C GLY A 100 -9.20 0.48 -3.37
N LYS A 101 -8.29 0.03 -2.50
CA LYS A 101 -7.88 -1.37 -2.47
C LYS A 101 -7.72 -1.82 -1.03
N VAL A 102 -8.26 -2.98 -0.70
CA VAL A 102 -8.14 -3.52 0.64
C VAL A 102 -7.56 -4.92 0.60
N LYS A 103 -6.53 -5.14 1.42
CA LYS A 103 -5.97 -6.47 1.60
C LYS A 103 -6.48 -7.03 2.91
N ILE A 104 -7.17 -8.16 2.81
CA ILE A 104 -7.80 -8.82 3.93
C ILE A 104 -7.00 -10.04 4.34
N ASN A 105 -6.65 -10.08 5.63
CA ASN A 105 -5.84 -11.14 6.18
C ASN A 105 -6.55 -11.86 7.32
N ILE A 106 -6.76 -13.16 7.16
CA ILE A 106 -7.35 -13.98 8.20
C ILE A 106 -6.36 -15.07 8.62
N PRO A 107 -5.57 -14.80 9.65
CA PRO A 107 -4.46 -15.66 10.09
C PRO A 107 -4.90 -17.06 10.52
N ILE A 108 -6.11 -17.19 11.04
CA ILE A 108 -6.63 -18.48 11.48
C ILE A 108 -6.48 -19.53 10.38
N ILE A 109 -5.97 -19.11 9.23
CA ILE A 109 -5.77 -20.00 8.09
C ILE A 109 -5.14 -19.26 6.92
N ASN A 110 -4.43 -20.00 6.08
CA ASN A 110 -3.78 -19.43 4.91
C ASN A 110 -5.00 -18.79 4.26
N TYR A 111 -5.10 -17.47 4.37
CA TYR A 111 -6.22 -16.74 3.79
C TYR A 111 -5.71 -15.32 3.63
N ASN A 112 -5.45 -14.92 2.38
CA ASN A 112 -4.97 -13.59 2.10
C ASN A 112 -5.45 -13.15 0.71
N ALA A 113 -6.48 -12.30 0.69
CA ALA A 113 -7.07 -11.88 -0.57
C ALA A 113 -7.17 -10.37 -0.67
N SER A 114 -7.35 -9.82 -1.85
CA SER A 114 -7.41 -8.40 -2.14
C SER A 114 -8.77 -8.02 -2.72
N TYR A 115 -9.28 -6.87 -2.30
CA TYR A 115 -10.56 -6.37 -2.80
C TYR A 115 -10.38 -4.99 -3.42
N ASP A 116 -10.85 -4.84 -4.66
CA ASP A 116 -10.91 -3.52 -5.30
C ASP A 116 -12.27 -2.90 -5.00
N ILE A 117 -12.26 -1.64 -4.59
CA ILE A 117 -13.51 -0.98 -4.17
C ILE A 117 -13.59 0.46 -4.63
N ARG A 118 -14.78 1.04 -4.49
CA ARG A 118 -15.01 2.44 -4.79
C ARG A 118 -15.82 3.08 -3.67
N PHE A 119 -15.37 4.25 -3.21
CA PHE A 119 -16.11 5.00 -2.21
C PHE A 119 -17.08 5.96 -2.88
N VAL A 120 -18.34 5.91 -2.47
CA VAL A 120 -19.37 6.73 -3.07
C VAL A 120 -19.92 7.69 -2.02
N PHE A 121 -19.68 8.97 -2.21
CA PHE A 121 -20.11 9.99 -1.26
C PHE A 121 -21.40 10.67 -1.72
N THR B 6 16.83 -15.90 17.88
CA THR B 6 17.38 -15.04 16.85
C THR B 6 16.37 -13.97 16.42
N LYS B 7 15.20 -13.99 17.04
CA LYS B 7 14.16 -13.01 16.72
C LYS B 7 14.62 -11.59 17.10
N LEU B 8 14.40 -10.65 16.19
CA LEU B 8 14.80 -9.26 16.42
C LEU B 8 13.86 -8.58 17.41
N ALA B 9 14.41 -7.65 18.19
CA ALA B 9 13.60 -6.84 19.10
C ALA B 9 12.71 -5.89 18.31
N ASP B 10 11.51 -5.63 18.83
CA ASP B 10 10.62 -4.67 18.18
C ASP B 10 11.30 -3.33 18.04
N GLY B 11 10.93 -2.58 17.00
CA GLY B 11 11.51 -1.29 16.74
C GLY B 11 11.74 -1.06 15.26
N LYS B 12 12.37 0.07 14.93
CA LYS B 12 12.67 0.39 13.55
C LYS B 12 14.17 0.48 13.31
N TYR B 13 14.63 -0.07 12.19
CA TYR B 13 16.04 -0.13 11.88
C TYR B 13 16.29 0.25 10.43
N ASN B 14 17.55 0.51 10.10
CA ASN B 14 17.96 0.57 8.71
C ASN B 14 18.62 -0.76 8.36
N ILE B 15 18.34 -1.26 7.17
CA ILE B 15 19.03 -2.46 6.70
C ILE B 15 19.52 -2.28 5.28
N ALA B 16 20.83 -2.45 5.09
CA ALA B 16 21.43 -2.35 3.77
C ALA B 16 20.92 -3.52 2.93
N PHE B 17 20.84 -3.28 1.62
CA PHE B 17 20.47 -4.35 0.70
C PHE B 17 21.04 -4.09 -0.68
N THR B 18 21.17 -5.12 -1.48
CA THR B 18 21.59 -5.08 -2.83
CA THR B 18 21.59 -5.08 -2.83
C THR B 18 20.64 -5.90 -3.59
N VAL B 19 20.64 -5.76 -4.89
CA VAL B 19 19.76 -6.51 -5.73
C VAL B 19 20.55 -7.29 -6.77
N TRP B 20 20.28 -8.58 -6.86
CA TRP B 20 20.92 -9.45 -7.84
C TRP B 20 19.96 -9.78 -8.96
N LYS B 21 20.50 -10.23 -10.08
CA LYS B 21 19.69 -10.79 -11.15
C LYS B 21 18.97 -12.01 -10.62
N GLY B 22 17.82 -12.32 -11.18
CA GLY B 22 17.03 -13.45 -10.71
C GLY B 22 17.67 -14.79 -11.03
N ASP B 23 18.34 -14.86 -12.17
CA ASP B 23 18.85 -16.13 -12.68
C ASP B 23 20.36 -16.26 -12.61
N LYS B 24 21.05 -15.22 -12.17
CA LYS B 24 22.50 -15.25 -12.10
C LYS B 24 23.03 -14.49 -10.88
N ASP B 25 24.16 -14.93 -10.36
CA ASP B 25 24.75 -14.27 -9.20
C ASP B 25 25.55 -13.04 -9.63
N GLU B 26 24.83 -12.03 -10.13
CA GLU B 26 25.42 -10.79 -10.59
C GLU B 26 24.55 -9.63 -10.16
N SER B 27 25.12 -8.45 -10.06
CA SER B 27 24.40 -7.24 -9.71
CA SER B 27 24.40 -7.24 -9.71
C SER B 27 23.28 -6.91 -10.78
N SER B 28 22.08 -6.62 -10.32
CA SER B 28 20.97 -6.21 -11.15
C SER B 28 21.02 -4.73 -11.44
N ARG B 29 20.54 -4.39 -12.62
CA ARG B 29 20.32 -3.00 -12.97
C ARG B 29 19.36 -2.25 -12.07
N MET B 30 18.45 -2.99 -11.45
CA MET B 30 17.56 -2.46 -10.65
CA MET B 30 17.50 -2.42 -10.53
C MET B 30 18.19 -1.83 -9.32
N ASN B 31 19.49 -2.01 -9.11
CA ASN B 31 20.03 -1.39 -7.91
C ASN B 31 19.93 0.10 -7.96
N ARG B 32 20.10 0.69 -9.13
CA ARG B 32 20.06 2.14 -9.18
C ARG B 32 18.69 2.74 -8.96
N TYR B 33 17.65 1.94 -8.99
CA TYR B 33 16.33 2.44 -8.75
C TYR B 33 15.79 2.22 -7.31
N PHE B 34 16.36 1.26 -6.63
CA PHE B 34 15.91 0.92 -5.30
C PHE B 34 16.92 1.43 -4.30
N GLU B 35 16.51 2.33 -3.43
CA GLU B 35 17.43 3.04 -2.53
C GLU B 35 17.70 2.29 -1.23
N SER B 36 18.97 1.92 -1.04
CA SER B 36 19.42 1.33 0.21
C SER B 36 20.11 2.39 1.06
N PRO B 37 19.99 2.29 2.39
CA PRO B 37 19.32 1.21 3.12
C PRO B 37 17.79 1.34 3.16
N ALA B 38 17.14 0.19 3.32
CA ALA B 38 15.71 0.15 3.52
C ALA B 38 15.40 0.38 5.00
N THR B 39 14.12 0.56 5.30
CA THR B 39 13.68 0.64 6.69
C THR B 39 13.08 -0.69 7.10
N LEU B 40 13.55 -1.22 8.23
CA LEU B 40 13.01 -2.45 8.78
C LEU B 40 12.16 -2.13 10.01
N THR B 41 10.88 -2.40 9.92
CA THR B 41 9.98 -2.20 11.05
C THR B 41 9.59 -3.56 11.63
N VAL B 42 10.01 -3.79 12.87
CA VAL B 42 9.69 -5.05 13.53
C VAL B 42 8.57 -4.83 14.54
N LYS B 43 7.41 -5.42 14.26
CA LYS B 43 6.22 -5.22 15.07
C LYS B 43 5.52 -6.54 15.33
N ASN B 44 5.35 -6.87 16.61
CA ASN B 44 4.73 -8.13 17.00
C ASN B 44 5.37 -9.34 16.33
N GLY B 45 6.70 -9.34 16.28
CA GLY B 45 7.45 -10.44 15.71
C GLY B 45 7.60 -10.36 14.20
N LYS B 46 6.65 -9.71 13.55
CA LYS B 46 6.65 -9.61 12.09
C LYS B 46 7.60 -8.52 11.58
N GLN B 47 8.17 -8.75 10.40
CA GLN B 47 9.19 -7.87 9.85
C GLN B 47 8.72 -7.20 8.56
N TYR B 48 8.68 -5.87 8.56
CA TYR B 48 8.22 -5.12 7.40
C TYR B 48 9.34 -4.28 6.81
N VAL B 49 9.64 -4.50 5.54
CA VAL B 49 10.70 -3.78 4.86
C VAL B 49 10.11 -2.74 3.93
N SER B 50 10.66 -1.52 3.97
CA SER B 50 10.22 -0.46 3.07
C SER B 50 11.40 0.34 2.57
N PHE B 51 11.30 0.84 1.33
CA PHE B 51 12.36 1.65 0.75
C PHE B 51 11.84 2.52 -0.39
N LYS B 52 12.64 3.50 -0.78
CA LYS B 52 12.26 4.44 -1.82
C LYS B 52 12.63 3.92 -3.21
N VAL B 53 11.71 4.11 -4.15
CA VAL B 53 11.92 3.70 -5.53
C VAL B 53 12.05 4.93 -6.43
N LYS B 54 13.16 5.01 -7.16
CA LYS B 54 13.38 6.10 -8.11
C LYS B 54 12.75 5.78 -9.47
N ASP B 55 12.49 6.82 -10.27
CA ASP B 55 11.86 6.61 -11.57
C ASP B 55 10.58 5.81 -11.42
N SER B 56 9.79 6.17 -10.41
CA SER B 56 8.61 5.42 -10.04
C SER B 56 7.66 5.12 -11.20
N THR B 57 7.46 6.09 -12.08
CA THR B 57 6.53 5.92 -13.20
C THR B 57 6.97 4.81 -14.17
N SER B 58 8.27 4.56 -14.21
CA SER B 58 8.82 3.53 -15.11
C SER B 58 8.79 2.14 -14.49
N ILE B 59 8.76 2.08 -13.16
CA ILE B 59 8.78 0.80 -12.47
C ILE B 59 7.38 0.42 -11.99
N LYS B 60 6.77 -0.55 -12.68
CA LYS B 60 5.42 -0.97 -12.35
C LYS B 60 5.37 -2.45 -12.00
N SER B 61 4.22 -2.90 -11.52
CA SER B 61 4.01 -4.30 -11.18
C SER B 61 5.14 -4.87 -10.32
N PHE B 62 5.65 -4.05 -9.40
CA PHE B 62 6.69 -4.49 -8.47
C PHE B 62 6.12 -5.52 -7.49
N GLN B 63 6.53 -6.77 -7.63
CA GLN B 63 6.04 -7.84 -6.78
C GLN B 63 7.18 -8.55 -6.07
N VAL B 64 6.88 -9.10 -4.89
CA VAL B 64 7.84 -9.93 -4.17
C VAL B 64 7.18 -11.25 -3.80
N GLU B 65 7.96 -12.32 -3.75
CA GLU B 65 7.43 -13.62 -3.40
C GLU B 65 7.13 -13.70 -1.91
N LYS B 66 6.01 -14.31 -1.58
CA LYS B 66 5.61 -14.49 -0.18
C LYS B 66 4.84 -15.79 -0.02
N ASP B 67 5.52 -16.81 0.48
CA ASP B 67 4.92 -18.12 0.70
C ASP B 67 4.34 -18.69 -0.59
N GLY B 68 5.21 -18.98 -1.56
CA GLY B 68 4.80 -19.66 -2.77
C GLY B 68 4.57 -18.78 -3.98
N GLN B 69 3.68 -17.80 -3.85
CA GLN B 69 3.29 -16.96 -4.99
C GLN B 69 3.77 -15.52 -4.87
N PHE B 70 3.80 -14.82 -6.00
CA PHE B 70 4.17 -13.41 -6.03
C PHE B 70 2.99 -12.52 -5.66
N VAL B 71 3.29 -11.41 -4.99
CA VAL B 71 2.27 -10.47 -4.57
C VAL B 71 2.76 -9.03 -4.73
N GLU B 72 1.87 -8.15 -5.18
CA GLU B 72 2.20 -6.75 -5.36
C GLU B 72 2.66 -6.12 -4.05
N THR B 73 3.67 -5.26 -4.13
CA THR B 73 4.14 -4.52 -2.97
C THR B 73 3.17 -3.39 -2.65
N THR B 74 3.20 -2.92 -1.40
CA THR B 74 2.30 -1.88 -0.94
C THR B 74 2.98 -0.51 -1.00
N VAL B 75 2.28 0.48 -1.54
CA VAL B 75 2.84 1.83 -1.62
C VAL B 75 2.41 2.66 -0.40
N LEU B 76 3.39 3.14 0.34
CA LEU B 76 3.11 3.91 1.56
C LEU B 76 2.97 5.39 1.25
N SER B 77 3.72 5.86 0.26
CA SER B 77 3.64 7.26 -0.15
C SER B 77 4.19 7.43 -1.57
N GLU B 78 3.94 8.60 -2.16
CA GLU B 78 4.44 8.90 -3.48
C GLU B 78 4.77 10.38 -3.58
N ASN B 79 5.75 10.71 -4.41
CA ASN B 79 6.05 12.09 -4.71
C ASN B 79 6.08 12.30 -6.21
N LYS B 80 5.01 12.89 -6.74
CA LYS B 80 4.85 13.09 -8.17
C LYS B 80 5.97 13.96 -8.75
N LYS B 81 6.31 15.01 -8.02
CA LYS B 81 7.31 15.97 -8.49
C LYS B 81 8.70 15.36 -8.62
N ASP B 82 9.07 14.51 -7.68
CA ASP B 82 10.39 13.88 -7.69
C ASP B 82 10.36 12.52 -8.37
N ASN B 83 9.16 12.07 -8.74
CA ASN B 83 8.99 10.80 -9.41
C ASN B 83 9.49 9.63 -8.56
N THR B 84 9.17 9.67 -7.28
CA THR B 84 9.54 8.58 -6.37
C THR B 84 8.30 8.04 -5.68
N ARG B 85 8.44 6.85 -5.09
CA ARG B 85 7.41 6.30 -4.21
C ARG B 85 8.07 5.40 -3.19
N VAL B 86 7.37 5.15 -2.09
CA VAL B 86 7.87 4.26 -1.05
C VAL B 86 7.08 2.96 -1.04
N VAL B 87 7.77 1.84 -1.18
CA VAL B 87 7.13 0.53 -1.21
C VAL B 87 7.36 -0.20 0.10
N GLU B 88 6.48 -1.14 0.42
CA GLU B 88 6.57 -1.89 1.67
C GLU B 88 6.12 -3.33 1.44
N PHE B 89 6.77 -4.26 2.14
CA PHE B 89 6.40 -5.66 2.07
C PHE B 89 6.92 -6.41 3.30
N GLU B 90 6.25 -7.49 3.65
CA GLU B 90 6.65 -8.31 4.79
C GLU B 90 7.69 -9.34 4.34
N VAL B 91 8.68 -9.59 5.19
CA VAL B 91 9.70 -10.58 4.90
C VAL B 91 9.89 -11.50 6.10
N ALA B 92 9.62 -12.78 5.91
CA ALA B 92 9.72 -13.76 7.01
C ALA B 92 11.15 -14.00 7.45
N ASP B 93 12.05 -14.15 6.49
CA ASP B 93 13.45 -14.52 6.77
C ASP B 93 14.44 -13.61 6.07
N LEU B 94 15.03 -12.68 6.82
CA LEU B 94 15.99 -11.74 6.25
C LEU B 94 17.30 -12.40 5.84
N SER B 95 17.50 -13.65 6.25
CA SER B 95 18.73 -14.36 5.92
C SER B 95 18.64 -15.04 4.57
N LYS B 96 17.45 -15.05 3.99
CA LYS B 96 17.22 -15.64 2.66
C LYS B 96 17.15 -14.55 1.61
N LYS B 97 17.43 -14.92 0.36
CA LYS B 97 17.30 -13.99 -0.75
C LYS B 97 15.85 -13.94 -1.22
N LEU B 98 15.31 -12.73 -1.32
CA LEU B 98 13.90 -12.54 -1.65
C LEU B 98 13.67 -12.38 -3.15
N ASN B 99 12.88 -13.29 -3.71
CA ASN B 99 12.53 -13.23 -5.13
C ASN B 99 11.54 -12.10 -5.42
N GLY B 100 11.80 -11.35 -6.48
CA GLY B 100 10.95 -10.25 -6.87
C GLY B 100 10.77 -10.17 -8.37
N LYS B 101 9.78 -9.40 -8.79
CA LYS B 101 9.53 -9.15 -10.21
C LYS B 101 9.17 -7.69 -10.41
N VAL B 102 9.71 -7.09 -11.47
CA VAL B 102 9.34 -5.73 -11.82
C VAL B 102 9.00 -5.64 -13.30
N LYS B 103 8.00 -4.82 -13.62
CA LYS B 103 7.66 -4.55 -15.01
C LYS B 103 8.13 -3.14 -15.33
N ILE B 104 9.06 -3.04 -16.28
CA ILE B 104 9.61 -1.74 -16.66
C ILE B 104 8.91 -1.19 -17.88
N ASN B 105 8.19 -0.11 -17.69
CA ASN B 105 7.42 0.52 -18.77
C ASN B 105 8.02 1.85 -19.19
N ILE B 106 8.41 1.94 -20.46
CA ILE B 106 8.93 3.18 -21.02
C ILE B 106 8.03 3.63 -22.16
N PRO B 107 7.04 4.48 -21.86
CA PRO B 107 6.00 4.91 -22.80
C PRO B 107 6.53 5.62 -24.04
N ILE B 108 7.65 6.33 -23.91
CA ILE B 108 8.20 7.07 -25.05
C ILE B 108 8.31 6.18 -26.28
N ILE B 109 8.63 4.91 -26.06
CA ILE B 109 8.58 3.92 -27.12
C ILE B 109 7.67 2.77 -26.70
N ASN B 110 7.60 1.72 -27.51
CA ASN B 110 6.78 0.58 -27.18
C ASN B 110 7.55 -0.45 -26.36
N TYR B 111 8.22 0.02 -25.31
CA TYR B 111 9.05 -0.85 -24.49
C TYR B 111 8.36 -1.29 -23.20
N ASN B 112 8.14 -2.59 -23.09
CA ASN B 112 7.55 -3.18 -21.90
C ASN B 112 8.20 -4.53 -21.61
N ALA B 113 9.09 -4.56 -20.63
CA ALA B 113 9.83 -5.78 -20.31
C ALA B 113 9.75 -6.12 -18.83
N SER B 114 9.81 -7.40 -18.53
CA SER B 114 9.76 -7.88 -17.15
C SER B 114 11.13 -8.33 -16.69
N TYR B 115 11.47 -7.99 -15.44
CA TYR B 115 12.74 -8.40 -14.86
C TYR B 115 12.51 -9.23 -13.59
N ASP B 116 13.22 -10.34 -13.50
CA ASP B 116 13.23 -11.15 -12.28
C ASP B 116 14.44 -10.74 -11.45
N ILE B 117 14.23 -10.48 -10.18
CA ILE B 117 15.30 -10.02 -9.30
C ILE B 117 15.33 -10.73 -7.97
N ARG B 118 16.41 -10.53 -7.22
CA ARG B 118 16.53 -11.08 -5.88
C ARG B 118 17.07 -10.01 -4.95
N PHE B 119 16.40 -9.82 -3.82
CA PHE B 119 16.88 -8.89 -2.81
C PHE B 119 17.82 -9.60 -1.85
N VAL B 120 18.99 -9.01 -1.62
CA VAL B 120 19.99 -9.58 -0.75
C VAL B 120 20.21 -8.67 0.44
N PHE B 121 19.85 -9.14 1.63
CA PHE B 121 20.00 -8.35 2.83
C PHE B 121 21.28 -8.72 3.57
#